data_7NIA
#
_entry.id   7NIA
#
_cell.length_a   63.570
_cell.length_b   63.570
_cell.length_c   224.040
_cell.angle_alpha   90.000
_cell.angle_beta   90.000
_cell.angle_gamma   120.000
#
_symmetry.space_group_name_H-M   'P 32 2 1'
#
loop_
_entity.id
_entity.type
_entity.pdbx_description
1 polymer 'N6-adenosine-methyltransferase catalytic subunit'
2 polymer 'N6-adenosine-methyltransferase non-catalytic subunit'
3 non-polymer 4-[[(3R)-3-cyclopropyl-2-azaspiro[3.3]heptan-2-yl]methyl]-N-[[(3R)-3-oxidanyl-1-[6-[(phenylmethyl)amino]pyrimidin-4-yl]piperidin-3-yl]methyl]benzamide
4 non-polymer 'ACETATE ION'
5 water water
#
loop_
_entity_poly.entity_id
_entity_poly.type
_entity_poly.pdbx_seq_one_letter_code
_entity_poly.pdbx_strand_id
1 'polypeptide(L)'
;MGHHHHHHSSGRENLYFQGALTQSVGGDSSADRLFPPQWICCDIRYLDVSILGKFAVVMADPPWDIHMELPYGTLTDDEM
RRLNIPVLQDDGFLFLWVTGRAMELGRECLNLWGYERVDEIIWVKTNQLQRIIRTGRTGHWLNHGKEHCLVGVKGNPQGF
NQGLDCDVIVAEVRSTSHKPDEIYGMIERLSPGTRKIELFGRPHNVQPNWITLGNQLDGIHLLDPDVVARFKQRYPDGII
SKPKNL
;
A
2 'polypeptide(L)'
;MLKGTQSLNPHNDYCQHFVDTGHRPQNFIRDVGLADRFEEYPKLRELIRLKDELIAKSNTPPMYLQADIEAFDIRELTPK
FDVILLEPPLEEYYRETGITANEKCWTWDDIMKLEIDEIAAPRSFIFLWCGSGEGLDLGRVCLRKWGYRRCEDICWIKTN
KNNPGKTKTLDPKAVFQRTKEHCLMGIKGTVKRSTDGDFIHANVDIDLIITEEPEIGNIEKPVEIFHIIEHFCLGRRRLH
LFGRDSTIRPGWLTVGPTLTNSNYNAETYASYFSAPNSYLTGCTEEIERL
;
B
#
loop_
_chem_comp.id
_chem_comp.type
_chem_comp.name
_chem_comp.formula
ACT non-polymer 'ACETATE ION' 'C2 H3 O2 -1'
UEQ non-polymer 4-[[(3R)-3-cyclopropyl-2-azaspiro[3.3]heptan-2-yl]methyl]-N-[[(3R)-3-oxidanyl-1-[6-[(phenylmethyl)amino]pyrimidin-4-yl]piperidin-3-yl]methyl]benzamide 'C34 H42 N6 O2'
#
# COMPACT_ATOMS: atom_id res chain seq x y z
N LEU A 34 8.14 -14.96 30.61
CA LEU A 34 6.84 -15.34 31.16
C LEU A 34 5.71 -15.32 30.12
N PHE A 35 5.38 -16.51 29.62
CA PHE A 35 4.45 -16.66 28.50
C PHE A 35 3.10 -15.94 28.63
N PRO A 36 2.41 -15.91 29.78
CA PRO A 36 1.03 -15.35 29.79
C PRO A 36 1.03 -13.85 29.57
N PRO A 37 -0.13 -13.26 29.23
CA PRO A 37 -0.18 -11.83 28.89
C PRO A 37 0.36 -10.94 29.99
N GLN A 38 1.01 -9.85 29.58
CA GLN A 38 1.47 -8.83 30.49
C GLN A 38 1.18 -7.47 29.88
N TRP A 39 1.08 -6.46 30.73
CA TRP A 39 0.77 -5.14 30.23
C TRP A 39 1.22 -4.08 31.23
N ILE A 40 1.26 -2.84 30.75
CA ILE A 40 1.64 -1.66 31.52
C ILE A 40 0.74 -0.54 31.04
N CYS A 41 -0.18 -0.10 31.88
CA CYS A 41 -0.85 1.16 31.62
C CYS A 41 0.15 2.29 31.78
N CYS A 42 0.24 3.18 30.80
CA CYS A 42 1.25 4.23 30.85
C CYS A 42 1.07 5.13 29.65
N ASP A 43 1.79 6.25 29.68
CA ASP A 43 1.92 7.12 28.52
C ASP A 43 3.22 6.75 27.82
N ILE A 44 3.10 6.18 26.63
CA ILE A 44 4.27 5.64 25.95
C ILE A 44 5.31 6.71 25.69
N ARG A 45 4.91 7.98 25.63
CA ARG A 45 5.88 9.07 25.51
C ARG A 45 6.88 9.08 26.65
N TYR A 46 6.40 8.91 27.88
CA TYR A 46 7.23 9.14 29.06
C TYR A 46 7.75 7.86 29.72
N LEU A 47 7.17 6.69 29.44
CA LEU A 47 7.73 5.45 29.97
C LEU A 47 9.15 5.23 29.47
N ASP A 48 10.02 4.78 30.36
CA ASP A 48 11.38 4.39 30.02
C ASP A 48 11.36 2.95 29.52
N VAL A 49 11.21 2.79 28.20
CA VAL A 49 11.11 1.45 27.63
C VAL A 49 12.41 0.65 27.79
N SER A 50 13.52 1.28 28.16
CA SER A 50 14.77 0.53 28.27
C SER A 50 14.69 -0.59 29.31
N ILE A 51 13.75 -0.50 30.26
CA ILE A 51 13.61 -1.54 31.27
C ILE A 51 13.00 -2.83 30.75
N LEU A 52 12.53 -2.87 29.51
CA LEU A 52 11.75 -4.01 29.05
C LEU A 52 12.57 -5.07 28.34
N GLY A 53 13.84 -4.80 28.04
CA GLY A 53 14.64 -5.74 27.25
C GLY A 53 14.31 -5.65 25.76
N LYS A 54 14.76 -6.68 25.03
CA LYS A 54 14.69 -6.76 23.57
C LYS A 54 13.57 -7.68 23.13
N PHE A 55 13.01 -7.40 21.94
CA PHE A 55 11.88 -8.19 21.46
C PHE A 55 12.10 -8.66 20.04
N ALA A 56 11.69 -9.90 19.77
CA ALA A 56 11.74 -10.41 18.41
C ALA A 56 10.84 -9.61 17.47
N VAL A 57 9.70 -9.15 17.98
CA VAL A 57 8.70 -8.45 17.18
C VAL A 57 8.18 -7.26 17.97
N VAL A 58 8.04 -6.14 17.30
CA VAL A 58 7.38 -4.96 17.83
C VAL A 58 6.19 -4.67 16.93
N MET A 59 5.04 -4.36 17.52
CA MET A 59 3.91 -3.90 16.74
C MET A 59 3.35 -2.65 17.37
N ALA A 60 2.93 -1.70 16.53
CA ALA A 60 2.48 -0.40 16.99
C ALA A 60 1.32 0.04 16.13
N ASP A 61 0.31 0.61 16.78
CA ASP A 61 -0.86 1.14 16.10
C ASP A 61 -1.07 2.57 16.56
N PRO A 62 -0.15 3.47 16.21
CA PRO A 62 -0.04 4.77 16.94
C PRO A 62 -1.19 5.70 16.63
N PRO A 63 -1.46 6.66 17.52
CA PRO A 63 -2.48 7.69 17.23
C PRO A 63 -1.89 8.82 16.40
N TRP A 64 -1.63 8.53 15.12
CA TRP A 64 -1.09 9.55 14.25
C TRP A 64 -1.98 10.77 14.24
N ASP A 65 -1.34 11.93 14.08
CA ASP A 65 -2.05 13.19 13.88
C ASP A 65 -2.42 13.32 12.41
N ILE A 66 -3.44 12.57 12.02
CA ILE A 66 -3.92 12.63 10.64
C ILE A 66 -5.00 13.71 10.54
N TYR A 72 -7.43 13.05 19.54
CA TYR A 72 -8.19 12.10 20.35
C TYR A 72 -7.23 11.32 21.22
N GLY A 73 -6.18 12.02 21.64
CA GLY A 73 -5.00 11.38 22.19
C GLY A 73 -3.81 11.34 21.24
N THR A 74 -3.76 12.23 20.24
CA THR A 74 -2.77 12.14 19.19
C THR A 74 -1.37 12.52 19.69
N LEU A 75 -0.38 11.99 19.00
CA LEU A 75 1.00 12.39 19.17
C LEU A 75 1.40 13.20 17.95
N THR A 76 2.22 14.22 18.15
CA THR A 76 2.68 14.99 17.01
C THR A 76 3.70 14.18 16.23
N ASP A 77 3.99 14.65 15.01
CA ASP A 77 5.00 13.97 14.19
C ASP A 77 6.34 13.92 14.89
N ASP A 78 6.70 14.98 15.62
CA ASP A 78 7.97 14.97 16.34
C ASP A 78 7.97 13.98 17.50
N GLU A 79 6.86 13.90 18.24
CA GLU A 79 6.73 12.91 19.29
C GLU A 79 6.86 11.50 18.72
N MET A 80 6.23 11.26 17.58
CA MET A 80 6.34 9.95 16.95
C MET A 80 7.78 9.66 16.53
N ARG A 81 8.46 10.65 15.94
CA ARG A 81 9.87 10.49 15.58
C ARG A 81 10.72 10.21 16.81
N ARG A 82 10.41 10.86 17.93
CA ARG A 82 11.31 10.74 19.07
C ARG A 82 11.03 9.49 19.91
N LEU A 83 9.96 8.75 19.62
CA LEU A 83 9.67 7.53 20.37
C LEU A 83 10.87 6.60 20.39
N ASN A 84 11.15 6.01 21.56
CA ASN A 84 12.37 5.25 21.71
C ASN A 84 12.21 3.82 21.21
N ILE A 85 11.66 3.67 20.01
CA ILE A 85 11.62 2.36 19.35
C ILE A 85 13.00 1.74 19.20
N PRO A 86 14.09 2.47 18.94
CA PRO A 86 15.36 1.78 18.61
C PRO A 86 15.92 0.91 19.73
N VAL A 87 15.65 1.23 20.99
CA VAL A 87 16.16 0.44 22.11
C VAL A 87 15.47 -0.92 22.22
N LEU A 88 14.31 -1.09 21.57
CA LEU A 88 13.50 -2.28 21.82
C LEU A 88 13.96 -3.53 21.05
N GLN A 89 14.79 -3.39 20.02
CA GLN A 89 15.23 -4.55 19.25
C GLN A 89 16.67 -4.39 18.80
N ASP A 90 17.36 -5.51 18.67
CA ASP A 90 18.61 -5.61 17.93
C ASP A 90 18.43 -6.32 16.60
N ASP A 91 17.67 -7.40 16.59
CA ASP A 91 17.32 -8.10 15.37
C ASP A 91 15.87 -8.52 15.48
N GLY A 92 15.08 -8.23 14.46
CA GLY A 92 13.68 -8.59 14.48
C GLY A 92 12.85 -7.69 13.59
N PHE A 93 11.55 -7.80 13.77
CA PHE A 93 10.59 -7.20 12.85
C PHE A 93 9.72 -6.17 13.57
N LEU A 94 9.26 -5.19 12.79
CA LEU A 94 8.36 -4.14 13.24
C LEU A 94 7.12 -4.18 12.37
N PHE A 95 5.95 -4.20 13.01
CA PHE A 95 4.65 -4.10 12.33
C PHE A 95 4.03 -2.77 12.72
N LEU A 96 3.81 -1.88 11.73
CA LEU A 96 3.43 -0.49 11.98
C LEU A 96 2.16 -0.15 11.21
N TRP A 97 1.04 -0.01 11.92
CA TRP A 97 -0.21 0.32 11.23
C TRP A 97 -0.21 1.79 10.82
N VAL A 98 -0.67 2.06 9.60
CA VAL A 98 -0.64 3.38 8.99
C VAL A 98 -1.94 3.64 8.24
N THR A 99 -2.30 4.92 8.13
CA THR A 99 -3.44 5.36 7.33
C THR A 99 -3.16 6.79 6.88
N GLY A 100 -3.93 7.26 5.90
CA GLY A 100 -3.81 8.63 5.43
C GLY A 100 -2.37 9.06 5.22
N ARG A 101 -2.00 10.25 5.70
CA ARG A 101 -0.64 10.74 5.52
C ARG A 101 0.38 9.94 6.31
N ALA A 102 -0.05 9.15 7.30
CA ALA A 102 0.88 8.28 8.00
C ALA A 102 1.39 7.15 7.12
N MET A 103 0.75 6.89 5.98
CA MET A 103 1.37 6.01 5.00
C MET A 103 2.79 6.49 4.67
N GLU A 104 2.99 7.80 4.55
CA GLU A 104 4.29 8.40 4.31
C GLU A 104 5.06 8.66 5.61
N LEU A 105 4.38 9.18 6.62
CA LEU A 105 5.08 9.51 7.86
C LEU A 105 5.52 8.25 8.59
N GLY A 106 4.75 7.17 8.50
CA GLY A 106 5.17 5.92 9.14
C GLY A 106 6.41 5.33 8.48
N ARG A 107 6.52 5.46 7.16
CA ARG A 107 7.76 5.09 6.48
C ARG A 107 8.93 5.90 7.02
N GLU A 108 8.70 7.20 7.25
CA GLU A 108 9.76 8.06 7.78
C GLU A 108 10.22 7.56 9.14
N CYS A 109 9.27 7.40 10.08
CA CYS A 109 9.62 6.91 11.41
C CYS A 109 10.31 5.56 11.31
N LEU A 110 9.75 4.67 10.49
CA LEU A 110 10.31 3.34 10.35
C LEU A 110 11.78 3.42 9.98
N ASN A 111 12.08 4.20 8.93
CA ASN A 111 13.46 4.37 8.50
C ASN A 111 14.30 5.06 9.58
N LEU A 112 13.79 6.15 10.16
CA LEU A 112 14.54 6.82 11.23
C LEU A 112 14.83 5.88 12.39
N TRP A 113 13.86 5.05 12.78
CA TRP A 113 14.08 4.13 13.88
C TRP A 113 15.08 3.03 13.55
N GLY A 114 15.61 2.99 12.33
CA GLY A 114 16.60 2.00 11.94
C GLY A 114 16.08 0.77 11.20
N TYR A 115 14.89 0.82 10.60
CA TYR A 115 14.33 -0.34 9.92
C TYR A 115 14.38 -0.16 8.42
N GLU A 116 14.22 -1.26 7.69
CA GLU A 116 13.96 -1.24 6.26
C GLU A 116 12.59 -1.87 6.04
N ARG A 117 11.70 -1.19 5.31
CA ARG A 117 10.38 -1.76 5.03
C ARG A 117 10.53 -2.87 4.01
N VAL A 118 10.24 -4.10 4.42
CA VAL A 118 10.35 -5.26 3.53
C VAL A 118 9.01 -5.86 3.15
N ASP A 119 7.90 -5.38 3.72
CA ASP A 119 6.59 -5.93 3.36
C ASP A 119 5.51 -4.96 3.80
N GLU A 120 4.31 -5.16 3.28
CA GLU A 120 3.19 -4.34 3.68
C GLU A 120 1.97 -5.24 3.69
N ILE A 121 1.43 -5.48 4.85
CA ILE A 121 0.23 -6.29 4.97
C ILE A 121 -0.96 -5.38 4.72
N ILE A 122 -1.97 -5.85 3.99
CA ILE A 122 -3.24 -5.11 3.99
C ILE A 122 -4.33 -6.00 4.54
N TRP A 123 -5.23 -5.41 5.29
CA TRP A 123 -6.38 -6.11 5.83
C TRP A 123 -7.60 -5.65 5.02
N VAL A 124 -8.18 -6.57 4.25
CA VAL A 124 -9.45 -6.30 3.58
C VAL A 124 -10.60 -6.44 4.58
N LYS A 125 -11.30 -5.33 4.84
CA LYS A 125 -12.37 -5.32 5.83
C LYS A 125 -13.65 -5.88 5.20
N THR A 126 -14.15 -7.00 5.74
CA THR A 126 -15.40 -7.62 5.32
C THR A 126 -16.41 -7.60 6.45
N ASN A 127 -17.67 -7.92 6.11
CA ASN A 127 -18.71 -8.16 7.12
C ASN A 127 -18.82 -9.65 7.47
N GLN A 128 -20.01 -10.07 7.92
CA GLN A 128 -20.21 -11.48 8.25
C GLN A 128 -20.48 -12.34 7.03
N LEU A 129 -20.87 -11.74 5.90
CA LEU A 129 -21.15 -12.45 4.66
C LEU A 129 -19.97 -12.39 3.68
N GLN A 130 -18.76 -12.09 4.17
CA GLN A 130 -17.53 -12.06 3.36
C GLN A 130 -17.62 -11.06 2.20
N ARG A 131 -18.27 -9.93 2.43
CA ARG A 131 -18.39 -8.86 1.44
C ARG A 131 -17.70 -7.61 1.96
N ILE A 132 -17.13 -6.83 1.04
CA ILE A 132 -16.25 -5.74 1.45
C ILE A 132 -17.07 -4.60 2.05
N ILE A 133 -16.64 -4.11 3.20
CA ILE A 133 -17.16 -2.90 3.83
C ILE A 133 -16.55 -1.66 3.19
N GLY A 139 -8.91 10.26 2.66
CA GLY A 139 -9.23 9.56 1.42
C GLY A 139 -10.61 9.90 0.87
N HIS A 140 -10.69 10.96 0.07
CA HIS A 140 -11.95 11.45 -0.46
C HIS A 140 -12.17 11.11 -1.92
N TRP A 141 -11.21 10.47 -2.59
CA TRP A 141 -11.41 10.06 -3.97
C TRP A 141 -12.06 8.69 -4.07
N LEU A 142 -11.58 7.72 -3.27
CA LEU A 142 -12.07 6.36 -3.29
C LEU A 142 -12.57 5.96 -1.92
N ASN A 143 -13.56 5.06 -1.90
CA ASN A 143 -13.93 4.40 -0.66
C ASN A 143 -12.85 3.41 -0.24
N HIS A 144 -12.67 3.26 1.06
CA HIS A 144 -11.55 2.52 1.63
C HIS A 144 -12.02 1.12 2.06
N GLY A 145 -11.56 0.11 1.34
CA GLY A 145 -11.83 -1.27 1.70
C GLY A 145 -10.78 -1.95 2.54
N LYS A 146 -9.79 -1.21 3.05
CA LYS A 146 -8.62 -1.88 3.60
C LYS A 146 -7.93 -0.97 4.60
N GLU A 147 -7.14 -1.60 5.48
CA GLU A 147 -6.19 -0.92 6.34
C GLU A 147 -4.80 -1.47 6.05
N HIS A 148 -3.76 -0.67 6.30
CA HIS A 148 -2.39 -1.00 5.94
C HIS A 148 -1.53 -1.20 7.17
N CYS A 149 -0.59 -2.14 7.09
CA CYS A 149 0.37 -2.40 8.15
C CYS A 149 1.75 -2.63 7.54
N LEU A 150 2.66 -1.69 7.73
CA LEU A 150 4.01 -1.81 7.20
C LEU A 150 4.80 -2.86 7.96
N VAL A 151 5.71 -3.54 7.26
CA VAL A 151 6.54 -4.54 7.90
C VAL A 151 7.99 -4.13 7.69
N GLY A 152 8.69 -3.86 8.80
CA GLY A 152 10.07 -3.42 8.77
C GLY A 152 10.97 -4.48 9.38
N VAL A 153 12.16 -4.64 8.80
CA VAL A 153 13.18 -5.50 9.39
C VAL A 153 14.34 -4.65 9.88
N LYS A 154 14.93 -5.10 10.99
CA LYS A 154 16.09 -4.49 11.63
C LYS A 154 17.13 -5.57 11.91
N GLY A 155 18.39 -5.27 11.63
CA GLY A 155 19.44 -6.20 11.96
C GLY A 155 19.34 -7.46 11.12
N ASN A 156 19.74 -8.59 11.72
CA ASN A 156 19.84 -9.87 11.04
C ASN A 156 18.99 -10.90 11.77
N PRO A 157 17.69 -10.94 11.50
CA PRO A 157 16.82 -11.91 12.18
C PRO A 157 17.01 -13.31 11.60
N GLN A 158 17.14 -14.30 12.48
CA GLN A 158 17.29 -15.68 12.04
C GLN A 158 16.42 -16.58 12.89
N GLY A 159 16.04 -17.72 12.30
CA GLY A 159 15.11 -18.60 12.97
C GLY A 159 13.67 -18.18 12.80
N PHE A 160 13.38 -17.41 11.79
CA PHE A 160 12.02 -16.98 11.52
C PHE A 160 11.49 -17.79 10.36
N ASN A 161 10.19 -17.99 10.35
CA ASN A 161 9.55 -18.80 9.32
C ASN A 161 8.96 -17.89 8.26
N GLN A 162 9.84 -17.27 7.48
CA GLN A 162 9.37 -16.36 6.44
C GLN A 162 8.67 -17.16 5.35
N GLY A 163 7.58 -16.59 4.81
CA GLY A 163 6.84 -17.17 3.72
C GLY A 163 5.66 -18.03 4.11
N LEU A 164 5.39 -18.19 5.40
CA LEU A 164 4.29 -19.05 5.81
C LEU A 164 2.94 -18.40 5.53
N ASP A 165 2.81 -17.11 5.83
CA ASP A 165 1.57 -16.43 5.52
C ASP A 165 1.76 -15.52 4.33
N CYS A 166 0.65 -15.16 3.70
CA CYS A 166 0.68 -14.16 2.64
C CYS A 166 0.24 -12.81 3.19
N ASP A 167 0.45 -11.76 2.39
CA ASP A 167 0.40 -10.40 2.87
C ASP A 167 -1.00 -9.79 2.77
N VAL A 168 -2.04 -10.61 2.65
CA VAL A 168 -3.41 -10.13 2.65
C VAL A 168 -4.15 -10.81 3.79
N ILE A 169 -4.87 -10.00 4.59
CA ILE A 169 -5.77 -10.51 5.61
C ILE A 169 -7.20 -10.23 5.16
N VAL A 170 -8.07 -11.24 5.29
CA VAL A 170 -9.49 -11.07 5.08
C VAL A 170 -10.16 -11.48 6.39
N ALA A 171 -10.91 -10.54 6.98
CA ALA A 171 -11.42 -10.75 8.33
C ALA A 171 -12.47 -9.69 8.61
N GLU A 172 -13.44 -10.06 9.45
CA GLU A 172 -14.59 -9.20 9.71
C GLU A 172 -14.24 -8.09 10.69
N VAL A 173 -14.82 -6.91 10.46
CA VAL A 173 -14.60 -5.76 11.34
C VAL A 173 -15.27 -6.02 12.69
N ARG A 174 -14.49 -5.98 13.77
CA ARG A 174 -15.07 -6.13 15.10
C ARG A 174 -15.61 -4.78 15.59
N SER A 175 -14.74 -3.95 16.16
CA SER A 175 -15.16 -2.65 16.68
C SER A 175 -14.43 -1.54 15.93
N THR A 176 -14.63 -0.31 16.40
CA THR A 176 -13.92 0.82 15.83
C THR A 176 -12.46 0.77 16.26
N SER A 177 -11.56 0.97 15.30
CA SER A 177 -10.12 0.99 15.53
C SER A 177 -9.57 -0.32 16.07
N HIS A 178 -10.34 -1.41 15.97
CA HIS A 178 -9.89 -2.72 16.42
C HIS A 178 -9.11 -3.38 15.29
N LYS A 179 -7.91 -3.84 15.57
CA LYS A 179 -7.24 -4.56 14.49
C LYS A 179 -7.64 -6.03 14.51
N PRO A 180 -7.50 -6.75 13.39
CA PRO A 180 -7.95 -8.15 13.36
C PRO A 180 -7.05 -9.04 14.20
N ASP A 181 -7.66 -10.03 14.88
CA ASP A 181 -6.87 -10.97 15.68
C ASP A 181 -5.93 -11.82 14.84
N GLU A 182 -6.23 -12.00 13.55
CA GLU A 182 -5.40 -12.81 12.67
C GLU A 182 -3.93 -12.36 12.66
N ILE A 183 -3.66 -11.06 12.88
CA ILE A 183 -2.28 -10.58 12.84
C ILE A 183 -1.41 -11.27 13.89
N TYR A 184 -1.99 -11.66 15.04
CA TYR A 184 -1.20 -12.35 16.07
C TYR A 184 -0.85 -13.77 15.65
N GLY A 185 -1.79 -14.46 14.99
CA GLY A 185 -1.48 -15.78 14.47
C GLY A 185 -0.36 -15.72 13.44
N MET A 186 -0.43 -14.77 12.50
CA MET A 186 0.64 -14.59 11.53
C MET A 186 1.95 -14.28 12.24
N ILE A 187 1.90 -13.46 13.29
CA ILE A 187 3.14 -13.09 13.95
C ILE A 187 3.68 -14.27 14.75
N GLU A 188 2.79 -15.10 15.32
CA GLU A 188 3.22 -16.28 16.05
C GLU A 188 3.86 -17.31 15.12
N ARG A 189 3.26 -17.56 13.95
CA ARG A 189 3.87 -18.51 13.02
C ARG A 189 5.20 -18.01 12.49
N LEU A 190 5.34 -16.69 12.33
CA LEU A 190 6.60 -16.15 11.82
C LEU A 190 7.72 -16.31 12.85
N SER A 191 7.41 -16.12 14.13
CA SER A 191 8.41 -16.07 15.19
C SER A 191 7.84 -16.72 16.44
N PRO A 192 7.70 -18.05 16.43
CA PRO A 192 6.97 -18.72 17.51
C PRO A 192 7.75 -18.73 18.82
N GLY A 193 7.02 -18.47 19.91
CA GLY A 193 7.54 -18.56 21.25
C GLY A 193 8.37 -17.38 21.72
N THR A 194 8.74 -16.45 20.84
CA THR A 194 9.61 -15.33 21.17
C THR A 194 8.83 -14.24 21.89
N ARG A 195 9.55 -13.34 22.54
CA ARG A 195 8.89 -12.27 23.29
C ARG A 195 8.59 -11.08 22.37
N LYS A 196 7.41 -10.50 22.56
CA LYS A 196 6.90 -9.48 21.67
C LYS A 196 6.29 -8.33 22.47
N ILE A 197 6.25 -7.16 21.85
CA ILE A 197 5.73 -5.98 22.53
C ILE A 197 4.81 -5.23 21.58
N GLU A 198 3.71 -4.71 22.13
CA GLU A 198 2.75 -3.92 21.38
C GLU A 198 2.66 -2.55 22.01
N LEU A 199 2.78 -1.51 21.20
CA LEU A 199 2.61 -0.13 21.64
C LEU A 199 1.24 0.39 21.24
N PHE A 200 0.61 1.12 22.16
CA PHE A 200 -0.73 1.69 21.95
C PHE A 200 -1.75 0.57 21.78
N GLY A 201 -1.57 -0.51 22.50
CA GLY A 201 -2.59 -1.55 22.51
C GLY A 201 -3.74 -1.16 23.41
N ARG A 202 -4.80 -1.94 23.31
CA ARG A 202 -5.99 -1.78 24.15
C ARG A 202 -6.21 -3.08 24.90
N PRO A 203 -7.13 -3.13 25.89
CA PRO A 203 -7.25 -4.36 26.71
C PRO A 203 -7.49 -5.63 25.91
N HIS A 204 -8.31 -5.57 24.86
CA HIS A 204 -8.54 -6.77 24.04
C HIS A 204 -7.27 -7.25 23.33
N ASN A 205 -6.27 -6.39 23.15
CA ASN A 205 -5.06 -6.75 22.41
C ASN A 205 -4.09 -7.62 23.22
N VAL A 206 -4.30 -7.83 24.51
CA VAL A 206 -3.29 -8.56 25.29
C VAL A 206 -3.31 -10.02 24.90
N GLN A 207 -2.13 -10.64 24.85
CA GLN A 207 -1.91 -11.95 24.25
C GLN A 207 -0.75 -12.62 24.96
N PRO A 208 -0.76 -13.96 25.04
CA PRO A 208 0.45 -14.66 25.51
C PRO A 208 1.64 -14.27 24.65
N ASN A 209 2.82 -14.30 25.28
CA ASN A 209 4.10 -13.92 24.71
C ASN A 209 4.19 -12.42 24.42
N TRP A 210 3.15 -11.64 24.66
CA TRP A 210 3.17 -10.21 24.37
C TRP A 210 3.15 -9.38 25.66
N ILE A 211 3.89 -8.27 25.64
CA ILE A 211 3.72 -7.19 26.60
C ILE A 211 3.01 -6.06 25.87
N THR A 212 1.93 -5.54 26.48
CA THR A 212 1.11 -4.52 25.85
C THR A 212 1.25 -3.22 26.63
N LEU A 213 1.61 -2.14 25.95
CA LEU A 213 1.63 -0.80 26.54
C LEU A 213 0.51 0.02 25.90
N GLY A 214 -0.21 0.76 26.74
CA GLY A 214 -1.30 1.59 26.28
C GLY A 214 -1.90 2.32 27.48
N ASN A 215 -2.46 3.50 27.26
CA ASN A 215 -2.97 4.31 28.36
C ASN A 215 -4.40 3.99 28.77
N GLN A 216 -5.01 2.94 28.20
CA GLN A 216 -6.32 2.50 28.67
C GLN A 216 -6.27 1.07 29.23
N LEU A 217 -5.09 0.54 29.52
CA LEU A 217 -5.02 -0.74 30.19
C LEU A 217 -5.23 -0.55 31.69
N ASP A 218 -5.63 -1.64 32.35
CA ASP A 218 -5.96 -1.62 33.78
C ASP A 218 -4.69 -1.93 34.57
N GLY A 219 -3.95 -0.88 34.93
CA GLY A 219 -2.81 -1.00 35.82
C GLY A 219 -1.56 -1.60 35.17
N ILE A 220 -0.70 -2.13 36.03
CA ILE A 220 0.55 -2.78 35.62
C ILE A 220 0.46 -4.25 35.99
N HIS A 221 0.63 -5.13 34.99
CA HIS A 221 0.63 -6.58 35.22
C HIS A 221 1.85 -7.20 34.55
N LEU A 222 2.85 -7.58 35.36
CA LEU A 222 4.16 -8.02 34.88
C LEU A 222 4.59 -9.28 35.60
N LEU A 223 5.16 -10.23 34.86
CA LEU A 223 5.44 -11.55 35.39
C LEU A 223 6.86 -12.00 35.06
N ASP A 224 7.41 -11.49 33.97
CA ASP A 224 8.78 -11.80 33.60
C ASP A 224 9.71 -11.26 34.68
N PRO A 225 10.46 -12.12 35.36
CA PRO A 225 11.22 -11.65 36.54
C PRO A 225 12.29 -10.62 36.21
N ASP A 226 13.01 -10.77 35.08
CA ASP A 226 13.97 -9.76 34.68
C ASP A 226 13.30 -8.40 34.50
N VAL A 227 12.08 -8.38 33.95
CA VAL A 227 11.36 -7.12 33.76
C VAL A 227 10.88 -6.58 35.10
N VAL A 228 10.36 -7.45 35.96
CA VAL A 228 9.87 -7.02 37.26
C VAL A 228 10.98 -6.36 38.06
N ALA A 229 12.18 -6.94 38.04
CA ALA A 229 13.33 -6.33 38.71
C ALA A 229 13.62 -4.94 38.16
N ARG A 230 13.92 -4.85 36.86
CA ARG A 230 14.26 -3.55 36.28
C ARG A 230 13.12 -2.54 36.48
N PHE A 231 11.87 -2.99 36.57
CA PHE A 231 10.78 -2.05 36.79
C PHE A 231 10.83 -1.47 38.20
N LYS A 232 10.94 -2.34 39.21
CA LYS A 232 11.13 -1.88 40.58
C LYS A 232 12.32 -0.93 40.70
N GLN A 233 13.46 -1.32 40.14
CA GLN A 233 14.66 -0.48 40.18
C GLN A 233 14.39 0.91 39.58
N ARG A 234 13.82 0.96 38.38
CA ARG A 234 13.56 2.24 37.72
C ARG A 234 12.34 2.96 38.30
N TYR A 235 11.37 2.24 38.85
CA TYR A 235 10.12 2.83 39.33
C TYR A 235 9.79 2.32 40.72
N PRO A 236 10.53 2.76 41.74
CA PRO A 236 10.38 2.16 43.07
C PRO A 236 9.06 2.48 43.73
N ASP A 237 8.44 3.60 43.38
CA ASP A 237 7.12 3.96 43.88
C ASP A 237 6.01 3.63 42.89
N GLY A 238 6.34 2.90 41.81
CA GLY A 238 5.32 2.41 40.89
C GLY A 238 4.56 3.47 40.14
N ILE A 239 5.23 4.56 39.75
CA ILE A 239 4.59 5.64 39.01
C ILE A 239 5.53 6.08 37.90
N ILE A 240 4.95 6.61 36.82
CA ILE A 240 5.73 6.93 35.64
C ILE A 240 5.63 8.41 35.25
N ASN B 12 -13.71 -17.95 11.44
CA ASN B 12 -12.82 -18.60 10.47
C ASN B 12 -11.56 -17.76 10.23
N ASP B 13 -10.39 -18.33 10.58
CA ASP B 13 -9.10 -17.69 10.35
C ASP B 13 -8.63 -18.02 8.93
N TYR B 14 -8.78 -17.07 8.01
CA TYR B 14 -8.36 -17.32 6.64
C TYR B 14 -6.85 -17.32 6.48
N CYS B 15 -6.10 -16.71 7.40
CA CYS B 15 -4.65 -16.83 7.32
C CYS B 15 -4.22 -18.24 7.69
N GLN B 16 -4.83 -18.81 8.73
CA GLN B 16 -4.60 -20.22 9.05
C GLN B 16 -5.05 -21.11 7.89
N HIS B 17 -6.21 -20.81 7.32
CA HIS B 17 -6.69 -21.62 6.21
C HIS B 17 -5.73 -21.60 5.04
N PHE B 18 -5.11 -20.45 4.76
CA PHE B 18 -4.12 -20.42 3.68
C PHE B 18 -2.90 -21.25 4.02
N VAL B 19 -2.41 -21.15 5.26
CA VAL B 19 -1.29 -21.99 5.69
C VAL B 19 -1.63 -23.47 5.53
N ASP B 20 -2.87 -23.85 5.85
CA ASP B 20 -3.28 -25.25 5.74
C ASP B 20 -3.38 -25.69 4.28
N THR B 21 -4.08 -24.91 3.44
CA THR B 21 -4.53 -25.38 2.14
C THR B 21 -3.87 -24.70 0.94
N GLY B 22 -3.15 -23.60 1.13
CA GLY B 22 -2.63 -22.86 -0.01
C GLY B 22 -3.60 -21.91 -0.69
N HIS B 23 -4.87 -21.88 -0.27
CA HIS B 23 -5.85 -20.94 -0.79
C HIS B 23 -5.71 -19.59 -0.08
N ARG B 24 -5.37 -18.57 -0.86
CA ARG B 24 -5.19 -17.23 -0.32
C ARG B 24 -6.48 -16.70 0.30
N PRO B 25 -6.38 -15.89 1.36
CA PRO B 25 -7.59 -15.38 1.99
C PRO B 25 -8.51 -14.63 1.04
N GLN B 26 -7.95 -13.93 0.05
CA GLN B 26 -8.79 -13.20 -0.90
C GLN B 26 -9.70 -14.13 -1.72
N ASN B 27 -9.36 -15.42 -1.82
CA ASN B 27 -10.17 -16.36 -2.57
C ASN B 27 -11.60 -16.43 -2.05
N PHE B 28 -11.86 -15.99 -0.81
CA PHE B 28 -13.18 -16.15 -0.21
C PHE B 28 -13.95 -14.84 -0.09
N ILE B 29 -13.44 -13.74 -0.66
CA ILE B 29 -14.24 -12.53 -0.73
C ILE B 29 -15.39 -12.77 -1.72
N ARG B 30 -16.60 -12.50 -1.27
CA ARG B 30 -17.79 -12.67 -2.11
C ARG B 30 -18.07 -11.39 -2.89
N ASP B 31 -18.68 -11.56 -4.07
CA ASP B 31 -19.15 -10.45 -4.89
C ASP B 31 -18.01 -9.55 -5.35
N VAL B 32 -16.98 -10.17 -5.93
CA VAL B 32 -15.75 -9.47 -6.30
C VAL B 32 -15.29 -9.81 -7.72
N GLU B 46 -27.25 2.69 -7.84
CA GLU B 46 -27.73 1.76 -8.87
C GLU B 46 -27.75 2.37 -10.28
N LEU B 47 -26.95 1.79 -11.18
CA LEU B 47 -26.79 2.19 -12.59
C LEU B 47 -25.80 3.35 -12.74
N ILE B 48 -24.52 3.07 -12.51
CA ILE B 48 -23.43 3.98 -12.85
C ILE B 48 -23.07 3.78 -14.31
N ARG B 49 -24.06 3.39 -15.11
CA ARG B 49 -23.85 3.07 -16.52
C ARG B 49 -24.10 4.25 -17.44
N LEU B 50 -24.83 5.27 -16.98
CA LEU B 50 -24.92 6.49 -17.78
C LEU B 50 -23.58 7.19 -17.82
N LYS B 51 -22.94 7.35 -16.65
CA LYS B 51 -21.58 7.86 -16.57
C LYS B 51 -20.66 7.17 -17.59
N ASP B 52 -20.69 5.84 -17.62
CA ASP B 52 -19.90 5.08 -18.59
C ASP B 52 -20.23 5.49 -20.03
N GLU B 53 -21.51 5.66 -20.34
CA GLU B 53 -21.89 6.09 -21.69
C GLU B 53 -21.36 7.48 -21.99
N LEU B 54 -21.44 8.39 -21.01
CA LEU B 54 -20.92 9.73 -21.21
C LEU B 54 -19.40 9.72 -21.38
N ILE B 55 -18.71 8.93 -20.56
CA ILE B 55 -17.28 8.70 -20.79
C ILE B 55 -17.05 8.22 -22.21
N ALA B 56 -17.84 7.25 -22.66
CA ALA B 56 -17.66 6.71 -24.02
C ALA B 56 -17.92 7.77 -25.09
N LYS B 57 -18.85 8.69 -24.84
CA LYS B 57 -19.19 9.67 -25.85
C LYS B 57 -18.09 10.75 -25.97
N SER B 58 -17.52 11.18 -24.84
CA SER B 58 -16.53 12.25 -24.89
C SER B 58 -15.12 11.74 -25.20
N ASN B 59 -14.90 10.42 -25.21
CA ASN B 59 -13.56 9.85 -25.45
C ASN B 59 -12.99 10.26 -26.79
N THR B 60 -11.76 10.78 -26.76
CA THR B 60 -11.02 11.02 -27.98
C THR B 60 -10.73 9.70 -28.67
N PRO B 61 -10.50 9.70 -29.98
CA PRO B 61 -10.05 8.48 -30.63
C PRO B 61 -8.78 7.99 -29.98
N PRO B 62 -8.56 6.69 -29.92
CA PRO B 62 -7.30 6.18 -29.39
C PRO B 62 -6.12 6.71 -30.20
N MET B 63 -5.03 7.03 -29.51
CA MET B 63 -3.81 7.45 -30.18
C MET B 63 -2.61 6.82 -29.49
N TYR B 64 -1.55 6.60 -30.25
CA TYR B 64 -0.53 5.70 -29.78
C TYR B 64 0.75 5.99 -30.55
N LEU B 65 1.87 5.64 -29.94
CA LEU B 65 3.17 6.00 -30.50
C LEU B 65 4.19 5.01 -29.97
N GLN B 66 4.89 4.32 -30.86
CA GLN B 66 6.06 3.56 -30.47
C GLN B 66 7.20 4.53 -30.17
N ALA B 67 7.79 4.41 -28.97
CA ALA B 67 8.92 5.25 -28.58
C ALA B 67 9.72 4.54 -27.51
N ASP B 68 11.03 4.53 -27.67
CA ASP B 68 11.92 4.02 -26.63
C ASP B 68 12.09 5.15 -25.63
N ILE B 69 11.40 5.04 -24.49
CA ILE B 69 11.22 6.14 -23.57
C ILE B 69 12.54 6.53 -22.87
N GLU B 70 13.50 5.60 -22.75
CA GLU B 70 14.79 6.01 -22.19
C GLU B 70 15.49 7.02 -23.09
N ALA B 71 15.43 6.82 -24.41
CA ALA B 71 16.11 7.64 -25.41
C ALA B 71 15.26 8.80 -25.92
N PHE B 72 14.04 8.93 -25.45
CA PHE B 72 13.01 9.75 -26.07
C PHE B 72 12.86 11.04 -25.26
N ASP B 73 12.90 12.18 -25.93
CA ASP B 73 12.69 13.43 -25.23
C ASP B 73 11.21 13.56 -24.90
N ILE B 74 10.87 13.47 -23.61
CA ILE B 74 9.48 13.41 -23.20
C ILE B 74 8.73 14.67 -23.55
N ARG B 75 9.43 15.81 -23.66
CA ARG B 75 8.78 17.07 -24.04
C ARG B 75 8.06 17.01 -25.38
N GLU B 76 8.42 16.06 -26.26
CA GLU B 76 7.75 15.98 -27.54
C GLU B 76 6.29 15.63 -27.40
N LEU B 77 5.87 15.15 -26.22
CA LEU B 77 4.49 14.77 -25.99
C LEU B 77 3.73 16.00 -25.50
N THR B 78 2.87 16.54 -26.34
CA THR B 78 2.01 17.65 -25.95
C THR B 78 0.59 17.36 -26.40
N PRO B 79 -0.41 18.05 -25.81
CA PRO B 79 -0.29 19.05 -24.74
C PRO B 79 0.06 18.44 -23.39
N LYS B 80 -0.16 19.19 -22.32
CA LYS B 80 0.11 18.69 -21.00
C LYS B 80 -1.06 17.82 -20.56
N PHE B 81 -0.77 16.76 -19.81
CA PHE B 81 -1.77 15.74 -19.55
C PHE B 81 -2.52 15.99 -18.26
N ASP B 82 -3.82 15.70 -18.28
CA ASP B 82 -4.63 15.71 -17.07
C ASP B 82 -4.36 14.47 -16.23
N VAL B 83 -4.13 13.33 -16.87
CA VAL B 83 -3.98 12.05 -16.19
C VAL B 83 -2.80 11.34 -16.83
N ILE B 84 -1.89 10.82 -16.00
CA ILE B 84 -0.77 10.01 -16.48
C ILE B 84 -0.84 8.67 -15.77
N LEU B 85 -0.93 7.59 -16.56
CA LEU B 85 -0.84 6.23 -16.07
C LEU B 85 0.52 5.71 -16.48
N LEU B 86 1.27 5.16 -15.52
CA LEU B 86 2.69 4.89 -15.72
C LEU B 86 2.92 3.47 -15.23
N GLU B 87 3.44 2.61 -16.12
CA GLU B 87 3.40 1.16 -15.92
C GLU B 87 4.74 0.58 -16.35
N PRO B 88 5.84 1.04 -15.76
CA PRO B 88 7.16 0.58 -16.19
C PRO B 88 7.31 -0.91 -15.98
N PRO B 89 8.00 -1.61 -16.88
CA PRO B 89 8.21 -3.05 -16.69
C PRO B 89 9.26 -3.37 -15.63
N LEU B 90 8.82 -3.59 -14.40
CA LEU B 90 9.75 -3.89 -13.32
C LEU B 90 10.34 -5.28 -13.48
N GLU B 91 11.60 -5.42 -13.05
CA GLU B 91 12.26 -6.72 -13.05
C GLU B 91 11.43 -7.78 -12.32
N GLU B 92 10.81 -7.41 -11.20
CA GLU B 92 10.02 -8.38 -10.44
C GLU B 92 8.83 -8.92 -11.24
N TYR B 93 8.36 -8.21 -12.27
CA TYR B 93 7.28 -8.76 -13.09
C TYR B 93 7.74 -10.02 -13.83
N TYR B 94 9.06 -10.12 -14.08
CA TYR B 94 9.64 -11.29 -14.71
C TYR B 94 10.24 -12.16 -13.60
N ARG B 95 9.36 -12.95 -12.98
CA ARG B 95 9.74 -13.96 -12.01
C ARG B 95 10.40 -15.12 -12.73
N GLU B 96 9.59 -15.97 -13.36
CA GLU B 96 10.12 -17.07 -14.16
C GLU B 96 10.35 -16.60 -15.61
N LYS B 104 13.60 -5.27 -22.26
CA LYS B 104 14.37 -4.52 -21.26
C LYS B 104 13.54 -4.17 -20.04
N CYS B 105 13.94 -4.66 -18.86
CA CYS B 105 13.29 -4.26 -17.62
C CYS B 105 13.78 -2.89 -17.17
N TRP B 106 12.91 -2.16 -16.49
CA TRP B 106 13.22 -0.85 -15.95
C TRP B 106 13.42 -0.97 -14.44
N THR B 107 14.52 -0.42 -13.96
CA THR B 107 14.73 -0.30 -12.53
C THR B 107 14.13 1.02 -12.03
N TRP B 108 14.00 1.11 -10.71
CA TRP B 108 13.49 2.33 -10.11
C TRP B 108 14.44 3.50 -10.36
N ASP B 109 15.72 3.20 -10.54
CA ASP B 109 16.72 4.17 -10.99
C ASP B 109 16.29 4.82 -12.30
N ASP B 110 16.01 4.00 -13.33
CA ASP B 110 15.54 4.51 -14.61
C ASP B 110 14.25 5.30 -14.43
N ILE B 111 13.31 4.76 -13.65
CA ILE B 111 11.99 5.39 -13.56
C ILE B 111 12.10 6.76 -12.92
N MET B 112 12.89 6.86 -11.87
CA MET B 112 13.01 8.11 -11.12
C MET B 112 13.64 9.22 -11.96
N LYS B 113 14.36 8.89 -13.03
CA LYS B 113 14.97 9.91 -13.87
C LYS B 113 14.07 10.35 -15.00
N LEU B 114 12.88 9.75 -15.14
CA LEU B 114 11.90 10.24 -16.10
C LEU B 114 11.43 11.64 -15.72
N GLU B 115 11.27 12.50 -16.71
CA GLU B 115 10.98 13.91 -16.41
C GLU B 115 9.46 14.17 -16.49
N ILE B 116 8.73 13.39 -15.68
CA ILE B 116 7.27 13.38 -15.72
C ILE B 116 6.69 14.77 -15.46
N ASP B 117 7.33 15.56 -14.59
CA ASP B 117 6.83 16.88 -14.26
C ASP B 117 6.78 17.82 -15.45
N GLU B 118 7.56 17.54 -16.50
CA GLU B 118 7.62 18.39 -17.67
C GLU B 118 6.41 18.22 -18.58
N ILE B 119 5.64 17.14 -18.44
CA ILE B 119 4.51 16.91 -19.32
C ILE B 119 3.18 16.88 -18.59
N ALA B 120 3.18 17.05 -17.28
CA ALA B 120 1.95 17.05 -16.51
C ALA B 120 1.35 18.45 -16.45
N ALA B 121 0.04 18.53 -16.58
CA ALA B 121 -0.63 19.81 -16.40
C ALA B 121 -0.52 20.23 -14.94
N PRO B 122 -0.60 21.54 -14.68
CA PRO B 122 -0.37 22.04 -13.31
C PRO B 122 -1.33 21.47 -12.28
N ARG B 123 -2.59 21.26 -12.67
CA ARG B 123 -3.50 20.40 -11.93
C ARG B 123 -3.64 19.16 -12.80
N SER B 124 -3.16 18.03 -12.28
CA SER B 124 -3.16 16.76 -13.00
C SER B 124 -3.03 15.64 -11.97
N PHE B 125 -3.19 14.41 -12.44
CA PHE B 125 -3.18 13.21 -11.62
C PHE B 125 -2.22 12.19 -12.20
N ILE B 126 -1.71 11.30 -11.34
CA ILE B 126 -0.87 10.21 -11.80
C ILE B 126 -1.33 8.94 -11.10
N PHE B 127 -1.18 7.82 -11.80
CA PHE B 127 -1.43 6.49 -11.29
C PHE B 127 -0.20 5.69 -11.64
N LEU B 128 0.50 5.17 -10.63
CA LEU B 128 1.82 4.58 -10.81
C LEU B 128 1.81 3.17 -10.25
N TRP B 129 1.92 2.19 -11.15
CA TRP B 129 2.03 0.79 -10.73
C TRP B 129 3.39 0.61 -10.06
N CYS B 130 3.40 0.17 -8.80
CA CYS B 130 4.63 0.09 -8.02
C CYS B 130 5.04 -1.32 -7.67
N GLY B 131 4.28 -2.32 -8.11
CA GLY B 131 4.61 -3.69 -7.79
C GLY B 131 4.31 -3.96 -6.33
N SER B 132 5.13 -4.79 -5.73
CA SER B 132 4.90 -5.15 -4.34
C SER B 132 6.18 -5.13 -3.51
N GLY B 133 7.31 -4.70 -4.08
CA GLY B 133 8.56 -4.69 -3.34
C GLY B 133 9.03 -3.30 -2.96
N GLU B 134 10.28 -2.99 -3.30
CA GLU B 134 10.86 -1.68 -3.02
C GLU B 134 10.12 -0.55 -3.73
N GLY B 135 9.37 -0.86 -4.79
CA GLY B 135 8.58 0.14 -5.50
C GLY B 135 7.55 0.85 -4.63
N LEU B 136 7.07 0.21 -3.55
CA LEU B 136 6.13 0.90 -2.68
C LEU B 136 6.79 2.06 -1.97
N ASP B 137 8.10 2.02 -1.84
CA ASP B 137 8.84 3.13 -1.27
C ASP B 137 9.37 4.07 -2.34
N LEU B 138 10.05 3.52 -3.33
CA LEU B 138 10.66 4.32 -4.38
C LEU B 138 9.60 5.01 -5.25
N GLY B 139 8.47 4.33 -5.48
CA GLY B 139 7.37 4.98 -6.19
C GLY B 139 6.88 6.23 -5.48
N ARG B 140 6.85 6.20 -4.14
CA ARG B 140 6.50 7.40 -3.41
C ARG B 140 7.56 8.50 -3.59
N VAL B 141 8.84 8.13 -3.65
CA VAL B 141 9.89 9.10 -3.97
C VAL B 141 9.63 9.74 -5.33
N CYS B 142 9.28 8.91 -6.33
CA CYS B 142 8.97 9.44 -7.66
C CYS B 142 7.82 10.43 -7.59
N LEU B 143 6.73 10.05 -6.90
CA LEU B 143 5.59 10.95 -6.87
C LEU B 143 6.00 12.31 -6.33
N ARG B 144 6.80 12.34 -5.26
CA ARG B 144 7.20 13.61 -4.68
C ARG B 144 8.17 14.33 -5.60
N LYS B 145 9.08 13.58 -6.22
CA LYS B 145 10.05 14.18 -7.12
C LYS B 145 9.37 14.95 -8.24
N TRP B 146 8.28 14.39 -8.79
CA TRP B 146 7.54 15.00 -9.90
C TRP B 146 6.50 16.01 -9.43
N GLY B 147 6.38 16.24 -8.13
CA GLY B 147 5.47 17.25 -7.62
C GLY B 147 4.10 16.80 -7.19
N TYR B 148 3.86 15.50 -6.99
CA TYR B 148 2.57 15.02 -6.55
C TYR B 148 2.59 14.67 -5.07
N ARG B 149 1.42 14.64 -4.46
CA ARG B 149 1.22 13.97 -3.18
C ARG B 149 0.28 12.79 -3.39
N ARG B 150 0.47 11.73 -2.62
CA ARG B 150 -0.36 10.56 -2.77
C ARG B 150 -1.71 10.82 -2.13
N CYS B 151 -2.78 10.56 -2.87
CA CYS B 151 -4.10 10.67 -2.25
C CYS B 151 -4.80 9.32 -2.08
N GLU B 152 -4.43 8.30 -2.85
CA GLU B 152 -5.00 6.97 -2.71
C GLU B 152 -3.93 5.93 -3.01
N ASP B 153 -4.09 4.76 -2.41
CA ASP B 153 -3.25 3.59 -2.61
C ASP B 153 -4.21 2.51 -3.06
N ILE B 154 -4.15 2.14 -4.34
CA ILE B 154 -5.06 1.15 -4.91
C ILE B 154 -4.35 -0.20 -4.97
N CYS B 155 -4.97 -1.23 -4.38
CA CYS B 155 -4.39 -2.57 -4.30
C CYS B 155 -5.05 -3.55 -5.26
N TRP B 156 -4.25 -4.09 -6.15
CA TRP B 156 -4.67 -5.20 -6.98
C TRP B 156 -4.41 -6.48 -6.19
N ILE B 157 -5.47 -7.06 -5.66
CA ILE B 157 -5.40 -8.25 -4.82
C ILE B 157 -5.63 -9.47 -5.70
N LYS B 158 -4.64 -10.36 -5.77
CA LYS B 158 -4.65 -11.48 -6.70
C LYS B 158 -5.10 -12.75 -6.01
N THR B 159 -6.23 -13.32 -6.46
CA THR B 159 -6.66 -14.63 -6.00
C THR B 159 -5.90 -15.75 -6.74
N ASN B 160 -5.93 -16.94 -6.15
CA ASN B 160 -5.30 -18.13 -6.72
C ASN B 160 -6.27 -19.33 -6.69
N LYS B 161 -7.56 -19.08 -7.00
CA LYS B 161 -8.57 -20.13 -6.93
C LYS B 161 -8.26 -21.30 -7.87
N ASN B 162 -7.59 -21.03 -8.98
CA ASN B 162 -7.33 -22.05 -10.00
C ASN B 162 -5.95 -22.67 -9.87
N ASN B 163 -5.21 -22.35 -8.82
CA ASN B 163 -3.93 -23.00 -8.56
C ASN B 163 -3.50 -22.75 -7.12
N PRO B 164 -4.15 -23.39 -6.13
CA PRO B 164 -3.64 -23.42 -4.76
C PRO B 164 -2.44 -24.34 -4.63
N THR B 167 2.63 -22.54 -4.66
CA THR B 167 3.56 -21.82 -3.79
C THR B 167 4.30 -20.74 -4.57
N LYS B 168 4.80 -19.74 -3.85
CA LYS B 168 5.45 -18.57 -4.45
C LYS B 168 6.92 -18.52 -4.05
N THR B 169 7.78 -18.14 -5.00
CA THR B 169 9.21 -18.00 -4.74
C THR B 169 9.49 -16.61 -4.19
N LEU B 170 9.93 -16.53 -2.93
CA LEU B 170 9.98 -15.26 -2.22
C LEU B 170 11.18 -14.42 -2.65
N ASP B 171 10.95 -13.11 -2.81
CA ASP B 171 12.03 -12.14 -2.76
C ASP B 171 12.83 -12.37 -1.48
N PRO B 172 14.17 -12.32 -1.53
CA PRO B 172 14.97 -12.62 -0.32
C PRO B 172 14.54 -11.85 0.91
N LYS B 173 14.22 -10.56 0.75
CA LYS B 173 13.81 -9.70 1.84
C LYS B 173 12.39 -9.95 2.31
N ALA B 174 11.61 -10.71 1.54
CA ALA B 174 10.21 -10.93 1.86
C ALA B 174 10.05 -11.66 3.19
N VAL B 175 9.14 -11.14 4.01
CA VAL B 175 8.71 -11.82 5.21
C VAL B 175 7.48 -12.68 4.91
N PHE B 176 6.65 -12.25 3.98
CA PHE B 176 5.42 -12.93 3.66
C PHE B 176 5.37 -13.21 2.16
N GLN B 177 4.45 -14.08 1.79
CA GLN B 177 4.18 -14.32 0.39
C GLN B 177 3.42 -13.12 -0.19
N ARG B 178 3.88 -12.64 -1.33
CA ARG B 178 3.35 -11.42 -1.94
C ARG B 178 2.24 -11.77 -2.94
N THR B 179 1.02 -11.35 -2.62
CA THR B 179 -0.16 -11.73 -3.38
C THR B 179 -0.94 -10.52 -3.90
N LYS B 180 -0.29 -9.36 -4.01
CA LYS B 180 -0.97 -8.14 -4.45
C LYS B 180 0.06 -7.21 -5.10
N GLU B 181 -0.44 -6.16 -5.75
CA GLU B 181 0.37 -5.08 -6.28
C GLU B 181 -0.32 -3.77 -5.99
N HIS B 182 0.45 -2.68 -5.91
CA HIS B 182 -0.10 -1.38 -5.58
C HIS B 182 0.02 -0.44 -6.76
N CYS B 183 -1.03 0.31 -6.99
CA CYS B 183 -1.02 1.41 -7.94
C CYS B 183 -1.29 2.70 -7.16
N LEU B 184 -0.28 3.54 -7.02
CA LEU B 184 -0.38 4.74 -6.22
C LEU B 184 -0.99 5.84 -7.06
N MET B 185 -1.97 6.53 -6.48
CA MET B 185 -2.60 7.68 -7.12
C MET B 185 -2.06 8.96 -6.48
N GLY B 186 -1.62 9.87 -7.34
CA GLY B 186 -1.06 11.13 -6.88
C GLY B 186 -1.73 12.30 -7.55
N ILE B 187 -1.73 13.44 -6.85
CA ILE B 187 -2.36 14.66 -7.30
C ILE B 187 -1.36 15.79 -7.20
N LYS B 188 -1.36 16.68 -8.20
CA LYS B 188 -0.60 17.92 -8.11
C LYS B 188 -1.54 19.07 -8.42
N GLY B 189 -1.36 20.18 -7.72
CA GLY B 189 -2.25 21.32 -7.91
C GLY B 189 -3.47 21.28 -7.01
N THR B 190 -4.40 22.18 -7.30
CA THR B 190 -5.63 22.33 -6.52
C THR B 190 -6.55 21.11 -6.66
N VAL B 204 -17.64 6.60 -6.29
CA VAL B 204 -18.33 5.32 -6.50
C VAL B 204 -17.44 4.07 -6.29
N ASP B 205 -16.13 4.21 -6.48
CA ASP B 205 -15.25 3.05 -6.54
C ASP B 205 -14.50 2.85 -5.23
N ILE B 206 -14.11 1.59 -4.98
CA ILE B 206 -13.32 1.23 -3.82
C ILE B 206 -11.86 1.18 -4.27
N ASP B 207 -10.93 1.19 -3.31
CA ASP B 207 -9.51 1.15 -3.61
C ASP B 207 -8.96 -0.28 -3.68
N LEU B 208 -9.77 -1.25 -4.14
CA LEU B 208 -9.36 -2.63 -4.34
C LEU B 208 -9.78 -3.15 -5.71
N ILE B 209 -8.89 -3.90 -6.35
CA ILE B 209 -9.20 -4.66 -7.54
C ILE B 209 -8.91 -6.12 -7.21
N ILE B 210 -9.90 -6.99 -7.38
CA ILE B 210 -9.72 -8.41 -7.10
C ILE B 210 -9.91 -9.18 -8.40
N THR B 211 -8.85 -9.86 -8.83
CA THR B 211 -8.88 -10.75 -9.98
C THR B 211 -7.94 -11.90 -9.70
N GLU B 212 -8.03 -12.93 -10.54
CA GLU B 212 -7.15 -14.09 -10.42
C GLU B 212 -5.75 -13.73 -10.91
N GLU B 213 -4.76 -14.35 -10.28
CA GLU B 213 -3.37 -14.07 -10.62
C GLU B 213 -3.08 -14.55 -12.04
N PRO B 214 -2.59 -13.70 -12.92
CA PRO B 214 -2.35 -14.11 -14.31
C PRO B 214 -1.20 -15.10 -14.41
N GLU B 215 -1.11 -15.71 -15.59
CA GLU B 215 -0.14 -16.77 -15.87
C GLU B 215 1.29 -16.26 -15.68
N ILE B 216 2.20 -17.19 -15.34
CA ILE B 216 3.58 -16.81 -15.15
C ILE B 216 4.10 -16.11 -16.41
N GLY B 217 4.66 -14.92 -16.23
CA GLY B 217 5.16 -14.14 -17.35
C GLY B 217 4.14 -13.30 -18.10
N ASN B 218 2.85 -13.39 -17.76
CA ASN B 218 1.87 -12.40 -18.19
C ASN B 218 2.03 -11.17 -17.29
N ILE B 219 2.43 -10.04 -17.88
CA ILE B 219 2.68 -8.85 -17.09
C ILE B 219 1.49 -7.89 -17.10
N GLU B 220 0.34 -8.31 -17.63
CA GLU B 220 -0.76 -7.37 -17.84
C GLU B 220 -1.38 -6.96 -16.51
N LYS B 221 -1.79 -5.67 -16.40
CA LYS B 221 -2.52 -5.26 -15.21
C LYS B 221 -4.02 -5.28 -15.48
N PRO B 222 -4.84 -5.44 -14.44
CA PRO B 222 -6.29 -5.54 -14.65
C PRO B 222 -6.84 -4.28 -15.30
N VAL B 223 -7.56 -4.49 -16.39
CA VAL B 223 -8.24 -3.41 -17.12
C VAL B 223 -9.12 -2.56 -16.20
N GLU B 224 -9.48 -3.08 -15.02
CA GLU B 224 -10.32 -2.33 -14.09
C GLU B 224 -9.66 -1.02 -13.63
N ILE B 225 -8.33 -0.94 -13.67
CA ILE B 225 -7.69 0.32 -13.29
C ILE B 225 -8.18 1.45 -14.21
N PHE B 226 -8.49 1.14 -15.48
CA PHE B 226 -8.97 2.18 -16.37
C PHE B 226 -10.36 2.64 -15.97
N HIS B 227 -11.23 1.71 -15.57
CA HIS B 227 -12.55 2.10 -15.11
C HIS B 227 -12.45 3.05 -13.93
N ILE B 228 -11.61 2.70 -12.95
CA ILE B 228 -11.45 3.55 -11.78
C ILE B 228 -10.97 4.93 -12.21
N ILE B 229 -9.98 5.02 -13.09
CA ILE B 229 -9.45 6.31 -13.47
C ILE B 229 -10.50 7.13 -14.21
N GLU B 230 -11.16 6.51 -15.19
CA GLU B 230 -12.15 7.22 -15.98
C GLU B 230 -13.35 7.66 -15.15
N HIS B 231 -13.75 6.87 -14.16
CA HIS B 231 -14.87 7.28 -13.32
C HIS B 231 -14.52 8.47 -12.44
N PHE B 232 -13.24 8.79 -12.26
CA PHE B 232 -12.90 10.00 -11.51
C PHE B 232 -13.27 11.28 -12.26
N CYS B 233 -13.40 11.22 -13.58
CA CYS B 233 -13.78 12.41 -14.38
C CYS B 233 -12.75 13.53 -14.23
N LEU B 234 -11.48 13.18 -14.41
CA LEU B 234 -10.37 14.10 -14.18
C LEU B 234 -9.98 14.95 -15.37
N GLY B 235 -10.58 14.76 -16.54
CA GLY B 235 -10.12 15.41 -17.74
C GLY B 235 -9.80 14.42 -18.84
N ARG B 236 -9.63 14.97 -20.05
CA ARG B 236 -9.61 14.13 -21.23
C ARG B 236 -8.23 13.93 -21.84
N ARG B 237 -7.21 14.65 -21.37
CA ARG B 237 -5.85 14.44 -21.87
C ARG B 237 -5.24 13.34 -21.00
N ARG B 238 -5.26 12.10 -21.51
CA ARG B 238 -4.90 10.91 -20.74
C ARG B 238 -3.75 10.18 -21.42
N LEU B 239 -2.65 9.98 -20.68
CA LEU B 239 -1.43 9.38 -21.21
C LEU B 239 -1.14 8.08 -20.47
N HIS B 240 -0.85 7.00 -21.23
CA HIS B 240 -0.46 5.72 -20.65
C HIS B 240 0.95 5.41 -21.11
N LEU B 241 1.92 5.58 -20.21
CA LEU B 241 3.31 5.35 -20.54
C LEU B 241 3.64 3.90 -20.27
N PHE B 242 4.34 3.28 -21.21
CA PHE B 242 4.64 1.85 -21.20
C PHE B 242 3.41 0.98 -21.41
N GLY B 243 2.35 1.54 -21.99
CA GLY B 243 1.29 0.70 -22.52
C GLY B 243 1.79 -0.16 -23.68
N ARG B 244 0.91 -1.04 -24.15
CA ARG B 244 1.24 -1.96 -25.23
C ARG B 244 0.13 -1.92 -26.29
N ASP B 245 0.36 -2.61 -27.41
CA ASP B 245 -0.71 -2.86 -28.36
C ASP B 245 -1.98 -3.32 -27.65
N SER B 246 -1.85 -4.23 -26.69
CA SER B 246 -2.98 -4.82 -25.98
C SER B 246 -3.66 -3.87 -24.99
N THR B 247 -3.11 -2.69 -24.73
CA THR B 247 -3.76 -1.79 -23.78
C THR B 247 -4.37 -0.56 -24.44
N ILE B 248 -4.14 -0.37 -25.75
CA ILE B 248 -4.68 0.80 -26.43
C ILE B 248 -6.20 0.85 -26.26
N ARG B 249 -6.72 2.07 -26.14
CA ARG B 249 -8.00 2.25 -25.55
C ARG B 249 -8.50 3.63 -25.97
N PRO B 250 -9.78 3.77 -26.30
CA PRO B 250 -10.31 5.10 -26.63
C PRO B 250 -10.14 6.04 -25.45
N GLY B 251 -10.02 7.33 -25.75
CA GLY B 251 -9.76 8.29 -24.69
C GLY B 251 -8.34 8.31 -24.16
N TRP B 252 -7.42 7.53 -24.73
CA TRP B 252 -6.07 7.44 -24.22
C TRP B 252 -5.05 7.62 -25.33
N LEU B 253 -3.93 8.27 -24.97
CA LEU B 253 -2.69 8.24 -25.73
C LEU B 253 -1.73 7.24 -25.08
N THR B 254 -1.28 6.26 -25.86
CA THR B 254 -0.43 5.19 -25.39
C THR B 254 0.95 5.36 -25.98
N VAL B 255 1.98 5.37 -25.12
CA VAL B 255 3.36 5.49 -25.57
C VAL B 255 4.18 4.37 -24.93
N GLY B 256 4.85 3.57 -25.76
CA GLY B 256 5.66 2.49 -25.25
C GLY B 256 6.60 1.94 -26.30
N PRO B 257 7.65 1.23 -25.86
CA PRO B 257 8.61 0.67 -26.81
C PRO B 257 8.12 -0.52 -27.61
N THR B 258 7.15 -1.29 -27.09
CA THR B 258 6.75 -2.50 -27.81
C THR B 258 5.59 -2.28 -28.78
N LEU B 259 5.03 -1.08 -28.87
CA LEU B 259 3.99 -0.83 -29.85
C LEU B 259 4.50 -1.13 -31.25
N THR B 260 3.63 -1.73 -32.08
CA THR B 260 4.04 -2.11 -33.42
C THR B 260 3.65 -1.08 -34.46
N ASN B 261 2.70 -0.20 -34.15
CA ASN B 261 2.25 0.85 -35.05
C ASN B 261 2.12 2.14 -34.27
N SER B 262 2.19 3.26 -34.98
CA SER B 262 1.93 4.57 -34.37
C SER B 262 0.93 5.32 -35.22
N ASN B 263 0.19 6.21 -34.57
CA ASN B 263 -0.62 7.19 -35.28
C ASN B 263 -0.57 8.55 -34.60
N TYR B 264 0.35 8.76 -33.65
CA TYR B 264 0.40 10.01 -32.89
C TYR B 264 0.84 11.18 -33.76
N ASN B 265 0.05 12.26 -33.71
CA ASN B 265 0.43 13.55 -34.29
C ASN B 265 0.11 14.64 -33.27
N ALA B 266 1.12 15.44 -32.90
CA ALA B 266 0.96 16.43 -31.83
C ALA B 266 -0.18 17.39 -32.12
N GLU B 267 -0.23 17.92 -33.34
CA GLU B 267 -1.26 18.89 -33.68
C GLU B 267 -2.63 18.23 -33.82
N THR B 268 -2.71 17.05 -34.46
CA THR B 268 -3.98 16.31 -34.45
C THR B 268 -4.44 16.03 -33.02
N TYR B 269 -3.53 15.60 -32.14
CA TYR B 269 -3.93 15.30 -30.77
C TYR B 269 -4.43 16.56 -30.05
N ALA B 270 -3.69 17.66 -30.16
CA ALA B 270 -4.14 18.92 -29.58
C ALA B 270 -5.51 19.35 -30.11
N SER B 271 -5.80 19.08 -31.38
CA SER B 271 -7.08 19.52 -31.94
C SER B 271 -8.28 18.96 -31.17
N TYR B 272 -8.13 17.80 -30.52
CA TYR B 272 -9.27 17.23 -29.79
C TYR B 272 -9.63 18.03 -28.55
N PHE B 273 -8.73 18.88 -28.08
CA PHE B 273 -8.96 19.62 -26.86
C PHE B 273 -9.05 21.12 -27.10
N SER B 274 -8.96 21.57 -28.34
CA SER B 274 -9.15 22.98 -28.60
C SER B 274 -10.59 23.36 -28.29
N ALA B 275 -10.78 24.65 -28.00
CA ALA B 275 -12.07 25.23 -27.62
C ALA B 275 -13.14 24.78 -28.60
N PRO B 276 -14.39 24.59 -28.17
CA PRO B 276 -14.88 24.77 -26.79
C PRO B 276 -14.67 23.57 -25.84
N ASN B 277 -13.66 22.72 -26.09
CA ASN B 277 -13.53 21.44 -25.39
C ASN B 277 -12.39 21.39 -24.38
N SER B 278 -11.65 22.50 -24.19
CA SER B 278 -10.38 22.48 -23.45
C SER B 278 -10.52 21.99 -22.01
N TYR B 279 -11.69 22.17 -21.38
CA TYR B 279 -11.80 21.99 -19.94
C TYR B 279 -12.83 20.93 -19.55
N LEU B 280 -13.15 20.01 -20.45
CA LEU B 280 -14.16 18.99 -20.16
C LEU B 280 -13.62 17.96 -19.18
N THR B 281 -14.51 17.43 -18.34
CA THR B 281 -14.11 16.36 -17.44
C THR B 281 -14.06 15.00 -18.12
N GLY B 282 -14.57 14.86 -19.34
CA GLY B 282 -14.70 13.53 -19.89
C GLY B 282 -15.86 12.75 -19.32
N CYS B 283 -16.72 13.41 -18.52
CA CYS B 283 -17.95 12.85 -17.98
C CYS B 283 -19.15 13.75 -18.24
N THR B 284 -19.10 14.53 -19.32
CA THR B 284 -20.22 15.38 -19.71
C THR B 284 -20.51 15.14 -21.19
N GLU B 285 -21.61 15.73 -21.65
CA GLU B 285 -21.96 15.67 -23.06
C GLU B 285 -20.93 16.45 -23.88
N GLU B 286 -20.64 15.97 -25.08
CA GLU B 286 -19.89 16.78 -26.03
C GLU B 286 -20.69 18.04 -26.36
N ILE B 287 -20.00 19.16 -26.54
CA ILE B 287 -20.66 20.43 -26.81
C ILE B 287 -21.08 20.46 -28.28
N GLU B 288 -22.33 20.83 -28.53
CA GLU B 288 -22.95 20.77 -29.87
C GLU B 288 -22.19 21.54 -30.95
C10 UEQ C . -6.28 3.30 13.95
C13 UEQ C . -5.20 2.30 11.56
C15 UEQ C . -4.38 1.85 10.34
C17 UEQ C . -7.39 -0.23 11.97
C20 UEQ C . -7.28 1.40 13.64
C21 UEQ C . -5.99 2.43 16.42
C22 UEQ C . -6.05 2.50 17.94
C24 UEQ C . -6.08 5.16 23.14
C26 UEQ C . -4.54 7.14 22.96
C02 UEQ C . -4.97 4.25 22.95
C03 UEQ C . -5.50 2.94 22.23
C05 UEQ C . -6.56 3.76 20.07
C06 UEQ C . -6.53 3.81 18.54
C07 UEQ C . -6.95 5.01 17.68
C08 UEQ C . -6.89 4.90 16.13
C09 UEQ C . -6.40 3.59 15.49
C12 UEQ C . -5.44 1.54 12.90
C14 UEQ C . -3.97 3.11 11.11
C16 UEQ C . -6.41 0.54 12.87
C18 UEQ C . -6.46 -1.45 12.10
C19 UEQ C . -5.81 -0.79 13.33
C25 UEQ C . -5.74 6.48 23.68
C27 UEQ C . -3.81 4.88 22.14
C29 UEQ C . -2.19 6.26 23.73
C31 UEQ C . -0.49 5.19 25.33
C33 UEQ C . -0.29 7.70 24.72
C35 UEQ C . -0.16 10.25 24.30
C36 UEQ C . -1.36 10.83 25.10
C37 UEQ C . -1.65 10.37 26.54
C38 UEQ C . -2.84 10.94 27.31
C39 UEQ C . -3.77 11.98 26.64
C40 UEQ C . -3.48 12.42 25.20
C41 UEQ C . -2.29 11.86 24.43
C42 UEQ C . -1.50 7.59 23.84
N04 UEQ C . -5.46 3.04 20.76
N11 UEQ C . -6.17 2.18 13.97
N28 UEQ C . -3.36 6.17 22.85
N30 UEQ C . -1.68 5.09 24.46
N32 UEQ C . 0.20 6.51 25.44
N34 UEQ C . 0.40 9.00 24.85
O01 UEQ C . -4.45 3.77 24.17
O23 UEQ C . -7.50 4.23 20.67
C ACT D . 3.68 11.55 -0.94
O ACT D . 2.58 12.15 -0.92
OXT ACT D . 4.68 11.75 -0.19
CH3 ACT D . 3.89 10.44 -2.03
#